data_8ARV
#
_entry.id   8ARV
#
_cell.length_a   34.697
_cell.length_b   117.503
_cell.length_c   117.824
_cell.angle_alpha   90.000
_cell.angle_beta   90.000
_cell.angle_gamma   90.000
#
_symmetry.space_group_name_H-M   'P 2 21 21'
#
loop_
_entity.id
_entity.type
_entity.pdbx_description
1 polymer 'Bifunctional diguanylate cyclase/phosphodiesterase'
2 non-polymer 'MAGNESIUM ION'
3 water water
#
_entity_poly.entity_id   1
_entity_poly.type   'polypeptide(L)'
_entity_poly.pdbx_seq_one_letter_code
;MGSSHHHHHHSSGLVPRGSHELEKDLRDALQRHELHLVYQPQVDYRDHRVVGVEALLRWQHPLHGFVPPDLFIPLAEQNG
SIFSIGEWVLDQACRQLREWHDQGFDDLRMAVNLSTVQLHHNALPRVVSNLLQVYRLPARSLELEVTETGLMEDISTAAQ
HLLSLRRAGALIAIDDFGTGYSSLSYLKSLPLDKIKIDKSFVQDLLQDEDDATIVRAIIQLGKSLGMQVIAEGVETAEQE
AYIIAEGCNEGQGYLYSKPLPARELTQYLKQARRL
;
_entity_poly.pdbx_strand_id   A,B
#
loop_
_chem_comp.id
_chem_comp.type
_chem_comp.name
_chem_comp.formula
MG non-polymer 'MAGNESIUM ION' 'Mg 2'
#
# COMPACT_ATOMS: atom_id res chain seq x y z
N GLU A 21 -10.19 -20.86 -31.06
CA GLU A 21 -10.36 -20.87 -29.61
C GLU A 21 -10.60 -19.43 -29.13
N LEU A 22 -10.92 -18.55 -30.08
CA LEU A 22 -11.27 -17.16 -29.84
C LEU A 22 -10.05 -16.33 -29.51
N GLU A 23 -8.98 -16.96 -29.03
CA GLU A 23 -7.68 -16.33 -29.14
C GLU A 23 -7.31 -16.15 -30.61
N LYS A 24 -7.94 -16.93 -31.49
CA LYS A 24 -7.88 -16.71 -32.92
C LYS A 24 -9.01 -15.84 -33.44
N ASP A 25 -10.20 -15.94 -32.82
CA ASP A 25 -11.33 -15.11 -33.24
C ASP A 25 -11.19 -13.67 -32.75
N LEU A 26 -10.51 -13.45 -31.62
CA LEU A 26 -10.17 -12.10 -31.18
C LEU A 26 -9.51 -11.30 -32.28
N ARG A 27 -8.80 -11.98 -33.18
CA ARG A 27 -7.99 -11.24 -34.12
C ARG A 27 -8.87 -10.54 -35.15
N ASP A 28 -9.94 -11.20 -35.57
CA ASP A 28 -10.92 -10.64 -36.50
C ASP A 28 -11.87 -9.65 -35.82
N ALA A 29 -11.84 -9.55 -34.49
CA ALA A 29 -12.93 -8.92 -33.75
C ALA A 29 -13.15 -7.47 -34.17
N LEU A 30 -12.12 -6.64 -34.02
CA LEU A 30 -12.26 -5.22 -34.36
C LEU A 30 -12.58 -5.06 -35.84
N GLN A 31 -11.96 -5.89 -36.68
CA GLN A 31 -12.25 -5.87 -38.12
C GLN A 31 -13.71 -6.25 -38.40
N ARG A 32 -14.25 -7.20 -37.65
CA ARG A 32 -15.63 -7.64 -37.81
C ARG A 32 -16.62 -6.79 -37.02
N HIS A 33 -16.16 -5.69 -36.40
CA HIS A 33 -17.01 -4.79 -35.62
C HIS A 33 -17.70 -5.52 -34.47
N GLU A 34 -17.01 -6.49 -33.87
CA GLU A 34 -17.53 -7.23 -32.73
C GLU A 34 -17.18 -6.59 -31.39
N LEU A 35 -16.26 -5.64 -31.37
CA LEU A 35 -15.95 -4.87 -30.18
C LEU A 35 -16.83 -3.63 -30.16
N HIS A 36 -17.27 -3.25 -28.95
CA HIS A 36 -17.96 -1.97 -28.79
C HIS A 36 -17.73 -1.47 -27.38
N LEU A 37 -18.13 -0.23 -27.15
CA LEU A 37 -18.01 0.40 -25.84
C LEU A 37 -19.37 0.48 -25.17
N VAL A 38 -19.39 0.27 -23.87
CA VAL A 38 -20.52 0.65 -23.05
C VAL A 38 -20.00 1.64 -22.03
N TYR A 39 -20.91 2.35 -21.39
CA TYR A 39 -20.57 3.52 -20.61
C TYR A 39 -21.31 3.47 -19.28
N GLN A 40 -20.59 3.74 -18.19
CA GLN A 40 -21.20 3.70 -16.86
C GLN A 40 -21.05 5.06 -16.18
N PRO A 41 -22.14 5.69 -15.74
CA PRO A 41 -22.02 7.00 -15.11
C PRO A 41 -21.40 6.94 -13.73
N GLN A 42 -20.90 8.11 -13.29
CA GLN A 42 -20.29 8.33 -11.99
C GLN A 42 -20.94 9.55 -11.37
N VAL A 43 -21.30 9.43 -10.10
CA VAL A 43 -22.09 10.43 -9.38
C VAL A 43 -21.24 11.08 -8.30
N ASP A 44 -21.32 12.40 -8.20
CA ASP A 44 -20.60 13.16 -7.19
C ASP A 44 -21.56 13.39 -6.04
N TYR A 45 -21.16 12.99 -4.83
CA TYR A 45 -22.05 13.07 -3.68
C TYR A 45 -22.18 14.47 -3.10
N ARG A 46 -21.44 15.46 -3.60
CA ARG A 46 -21.61 16.83 -3.13
C ARG A 46 -22.94 17.42 -3.61
N ASP A 47 -23.38 17.02 -4.81
CA ASP A 47 -24.63 17.51 -5.38
C ASP A 47 -25.45 16.38 -6.02
N HIS A 48 -25.02 15.13 -5.88
CA HIS A 48 -25.70 13.99 -6.50
C HIS A 48 -25.96 14.21 -7.99
N ARG A 49 -24.94 14.74 -8.69
CA ARG A 49 -24.95 14.98 -10.12
C ARG A 49 -24.08 13.94 -10.82
N VAL A 50 -24.45 13.61 -12.06
CA VAL A 50 -23.57 12.79 -12.90
C VAL A 50 -22.43 13.69 -13.37
N VAL A 51 -21.20 13.30 -13.04
CA VAL A 51 -20.03 14.13 -13.32
C VAL A 51 -19.04 13.44 -14.24
N GLY A 52 -19.14 12.13 -14.44
CA GLY A 52 -18.22 11.42 -15.30
C GLY A 52 -18.88 10.16 -15.80
N VAL A 53 -18.19 9.54 -16.77
CA VAL A 53 -18.65 8.30 -17.39
C VAL A 53 -17.41 7.45 -17.65
N GLU A 54 -17.48 6.16 -17.34
CA GLU A 54 -16.39 5.24 -17.61
C GLU A 54 -16.70 4.44 -18.86
N ALA A 55 -15.79 4.47 -19.83
CA ALA A 55 -15.93 3.68 -21.04
C ALA A 55 -15.40 2.28 -20.77
N LEU A 56 -16.18 1.26 -21.14
CA LEU A 56 -15.82 -0.12 -20.87
C LEU A 56 -15.87 -0.91 -22.16
N LEU A 57 -14.80 -1.65 -22.45
CA LEU A 57 -14.70 -2.40 -23.69
C LEU A 57 -15.45 -3.72 -23.55
N ARG A 58 -16.24 -4.05 -24.58
CA ARG A 58 -16.96 -5.31 -24.65
C ARG A 58 -16.59 -6.02 -25.95
N TRP A 59 -16.65 -7.34 -25.92
CA TRP A 59 -16.53 -8.15 -27.13
C TRP A 59 -17.72 -9.10 -27.14
N GLN A 60 -18.71 -8.82 -27.99
CA GLN A 60 -19.89 -9.67 -28.10
C GLN A 60 -19.75 -10.49 -29.39
N HIS A 61 -19.27 -11.72 -29.25
CA HIS A 61 -19.07 -12.51 -30.46
C HIS A 61 -20.38 -13.22 -30.81
N PRO A 62 -20.84 -13.17 -32.07
CA PRO A 62 -22.13 -13.80 -32.43
C PRO A 62 -22.33 -15.25 -32.00
N LEU A 63 -21.26 -16.01 -31.76
CA LEU A 63 -21.42 -17.39 -31.35
C LEU A 63 -21.34 -17.59 -29.85
N HIS A 64 -20.57 -16.76 -29.15
CA HIS A 64 -20.08 -17.09 -27.82
C HIS A 64 -20.69 -16.19 -26.77
N GLY A 65 -21.34 -15.11 -27.18
CA GLY A 65 -21.79 -14.11 -26.26
C GLY A 65 -20.65 -13.17 -25.88
N PHE A 66 -20.85 -12.49 -24.77
CA PHE A 66 -19.83 -11.59 -24.25
C PHE A 66 -18.62 -12.40 -23.78
N VAL A 67 -17.44 -11.96 -24.17
CA VAL A 67 -16.18 -12.57 -23.71
C VAL A 67 -15.61 -11.65 -22.65
N PRO A 68 -15.32 -12.15 -21.45
CA PRO A 68 -14.94 -11.26 -20.34
C PRO A 68 -13.68 -10.49 -20.69
N PRO A 69 -13.67 -9.17 -20.43
CA PRO A 69 -12.44 -8.40 -20.62
C PRO A 69 -11.24 -9.02 -19.93
N ASP A 70 -11.44 -9.54 -18.71
CA ASP A 70 -10.35 -10.20 -18.01
C ASP A 70 -9.82 -11.41 -18.78
N LEU A 71 -10.57 -11.94 -19.74
CA LEU A 71 -10.01 -12.99 -20.59
C LEU A 71 -9.24 -12.33 -21.73
N PHE A 72 -9.95 -11.61 -22.60
CA PHE A 72 -9.39 -11.29 -23.91
C PHE A 72 -8.35 -10.17 -23.88
N ILE A 73 -8.34 -9.33 -22.85
CA ILE A 73 -7.32 -8.29 -22.77
C ILE A 73 -5.96 -8.95 -22.54
N PRO A 74 -5.81 -9.91 -21.61
CA PRO A 74 -4.57 -10.70 -21.59
C PRO A 74 -4.20 -11.32 -22.93
N LEU A 75 -5.19 -11.79 -23.70
CA LEU A 75 -4.92 -12.31 -25.04
C LEU A 75 -4.35 -11.25 -25.95
N ALA A 76 -4.97 -10.07 -25.97
CA ALA A 76 -4.51 -8.98 -26.82
C ALA A 76 -3.13 -8.49 -26.40
N GLU A 77 -2.82 -8.54 -25.10
CA GLU A 77 -1.50 -8.13 -24.64
C GLU A 77 -0.41 -9.07 -25.12
N GLN A 78 -0.73 -10.37 -25.24
CA GLN A 78 0.28 -11.35 -25.62
C GLN A 78 0.54 -11.35 -27.12
N ASN A 79 -0.49 -11.12 -27.93
CA ASN A 79 -0.30 -11.07 -29.37
C ASN A 79 -0.08 -9.64 -29.89
N GLY A 80 0.18 -8.70 -28.99
CA GLY A 80 0.61 -7.36 -29.37
C GLY A 80 -0.43 -6.51 -30.07
N SER A 81 -1.70 -6.88 -30.00
CA SER A 81 -2.77 -6.11 -30.63
C SER A 81 -3.49 -5.19 -29.67
N ILE A 82 -3.13 -5.22 -28.38
CA ILE A 82 -3.83 -4.42 -27.38
C ILE A 82 -3.63 -2.93 -27.63
N PHE A 83 -2.45 -2.54 -28.12
CA PHE A 83 -2.22 -1.11 -28.31
C PHE A 83 -3.11 -0.57 -29.43
N SER A 84 -3.33 -1.38 -30.48
CA SER A 84 -4.23 -0.98 -31.56
C SER A 84 -5.68 -0.95 -31.10
N ILE A 85 -6.09 -1.93 -30.29
CA ILE A 85 -7.42 -1.87 -29.71
C ILE A 85 -7.55 -0.66 -28.81
N GLY A 86 -6.56 -0.44 -27.95
CA GLY A 86 -6.60 0.70 -27.06
C GLY A 86 -6.68 2.03 -27.80
N GLU A 87 -6.00 2.12 -28.95
CA GLU A 87 -6.11 3.34 -29.75
C GLU A 87 -7.54 3.57 -30.20
N TRP A 88 -8.19 2.49 -30.68
CA TRP A 88 -9.58 2.56 -31.09
C TRP A 88 -10.50 2.94 -29.94
N VAL A 89 -10.29 2.34 -28.77
CA VAL A 89 -11.10 2.66 -27.60
C VAL A 89 -10.99 4.14 -27.26
N LEU A 90 -9.76 4.64 -27.16
CA LEU A 90 -9.52 6.03 -26.79
C LEU A 90 -10.14 6.99 -27.79
N ASP A 91 -9.99 6.73 -29.09
CA ASP A 91 -10.61 7.54 -30.11
C ASP A 91 -12.13 7.59 -29.95
N GLN A 92 -12.78 6.43 -29.84
CA GLN A 92 -14.23 6.39 -29.73
C GLN A 92 -14.71 7.05 -28.44
N ALA A 93 -13.99 6.87 -27.34
CA ALA A 93 -14.38 7.51 -26.10
C ALA A 93 -14.23 9.02 -26.18
N CYS A 94 -13.15 9.50 -26.79
CA CYS A 94 -12.97 10.94 -26.90
C CYS A 94 -14.01 11.55 -27.85
N ARG A 95 -14.34 10.84 -28.93
CA ARG A 95 -15.35 11.35 -29.84
C ARG A 95 -16.70 11.43 -29.14
N GLN A 96 -17.01 10.40 -28.35
CA GLN A 96 -18.29 10.38 -27.63
C GLN A 96 -18.35 11.52 -26.61
N LEU A 97 -17.24 11.81 -25.93
CA LEU A 97 -17.23 12.93 -24.99
C LEU A 97 -17.48 14.25 -25.71
N ARG A 98 -16.82 14.46 -26.86
CA ARG A 98 -17.04 15.68 -27.64
C ARG A 98 -18.51 15.83 -28.01
N GLU A 99 -19.15 14.73 -28.42
CA GLU A 99 -20.59 14.76 -28.70
C GLU A 99 -21.38 15.19 -27.47
N TRP A 100 -21.09 14.60 -26.31
CA TRP A 100 -21.85 14.95 -25.11
C TRP A 100 -21.56 16.39 -24.67
N HIS A 101 -20.31 16.84 -24.77
CA HIS A 101 -20.01 18.24 -24.48
C HIS A 101 -20.78 19.18 -25.39
N ASP A 102 -20.86 18.85 -26.68
CA ASP A 102 -21.61 19.69 -27.62
C ASP A 102 -23.12 19.66 -27.36
N GLN A 103 -23.61 18.68 -26.62
CA GLN A 103 -25.01 18.63 -26.22
C GLN A 103 -25.26 19.41 -24.93
N GLY A 104 -24.26 20.09 -24.40
CA GLY A 104 -24.42 20.92 -23.21
C GLY A 104 -23.79 20.35 -21.95
N PHE A 105 -23.29 19.13 -21.97
CA PHE A 105 -22.72 18.51 -20.76
C PHE A 105 -21.20 18.69 -20.74
N ASP A 106 -20.78 19.95 -20.84
CA ASP A 106 -19.39 20.29 -21.12
C ASP A 106 -18.45 20.12 -19.92
N ASP A 107 -18.96 19.83 -18.72
CA ASP A 107 -18.09 19.53 -17.60
C ASP A 107 -17.94 18.03 -17.37
N LEU A 108 -18.56 17.21 -18.20
CA LEU A 108 -18.50 15.76 -18.03
C LEU A 108 -17.08 15.26 -18.27
N ARG A 109 -16.66 14.30 -17.45
CA ARG A 109 -15.38 13.60 -17.64
C ARG A 109 -15.63 12.24 -18.28
N MET A 110 -14.61 11.76 -18.99
CA MET A 110 -14.60 10.43 -19.58
C MET A 110 -13.41 9.66 -19.00
N ALA A 111 -13.65 8.44 -18.53
CA ALA A 111 -12.61 7.61 -17.96
C ALA A 111 -12.41 6.36 -18.80
N VAL A 112 -11.15 6.02 -19.04
CA VAL A 112 -10.77 4.91 -19.89
C VAL A 112 -9.69 4.12 -19.18
N ASN A 113 -9.87 2.81 -19.11
CA ASN A 113 -8.88 1.93 -18.52
C ASN A 113 -7.71 1.73 -19.46
N LEU A 114 -6.49 1.73 -18.91
CA LEU A 114 -5.29 1.40 -19.66
C LEU A 114 -4.73 0.08 -19.14
N SER A 115 -4.56 -0.89 -20.04
CA SER A 115 -3.90 -2.12 -19.64
C SER A 115 -2.43 -1.87 -19.36
N THR A 116 -1.78 -2.86 -18.74
CA THR A 116 -0.37 -2.72 -18.37
C THR A 116 0.51 -2.52 -19.60
N VAL A 117 0.26 -3.28 -20.67
CA VAL A 117 1.09 -3.12 -21.87
C VAL A 117 0.93 -1.73 -22.44
N GLN A 118 -0.31 -1.22 -22.50
CA GLN A 118 -0.56 0.13 -22.98
C GLN A 118 0.17 1.16 -22.15
N LEU A 119 0.07 1.03 -20.81
CA LEU A 119 0.70 1.98 -19.91
C LEU A 119 2.20 2.09 -20.16
N HIS A 120 2.84 1.00 -20.55
CA HIS A 120 4.29 0.99 -20.74
C HIS A 120 4.72 1.13 -22.19
N HIS A 121 3.76 1.31 -23.11
CA HIS A 121 4.07 1.56 -24.50
C HIS A 121 4.49 3.02 -24.68
N ASN A 122 5.69 3.24 -25.24
CA ASN A 122 6.19 4.60 -25.31
C ASN A 122 5.43 5.49 -26.29
N ALA A 123 4.53 4.95 -27.10
CA ALA A 123 3.68 5.76 -27.96
C ALA A 123 2.37 6.19 -27.28
N LEU A 124 2.10 5.75 -26.05
CA LEU A 124 0.85 6.14 -25.41
C LEU A 124 0.73 7.66 -25.23
N PRO A 125 1.76 8.39 -24.78
CA PRO A 125 1.59 9.85 -24.66
C PRO A 125 1.18 10.51 -25.96
N ARG A 126 1.77 10.10 -27.09
CA ARG A 126 1.44 10.69 -28.37
C ARG A 126 -0.01 10.42 -28.76
N VAL A 127 -0.47 9.19 -28.56
CA VAL A 127 -1.83 8.84 -28.93
C VAL A 127 -2.83 9.67 -28.15
N VAL A 128 -2.61 9.83 -26.83
CA VAL A 128 -3.55 10.58 -26.01
C VAL A 128 -3.52 12.07 -26.35
N SER A 129 -2.32 12.66 -26.42
CA SER A 129 -2.20 14.07 -26.78
C SER A 129 -2.85 14.37 -28.12
N ASN A 130 -2.71 13.46 -29.09
CA ASN A 130 -3.34 13.66 -30.38
C ASN A 130 -4.85 13.82 -30.21
N LEU A 131 -5.46 12.92 -29.44
CA LEU A 131 -6.91 12.90 -29.34
C LEU A 131 -7.43 14.11 -28.58
N LEU A 132 -6.70 14.53 -27.54
CA LEU A 132 -7.10 15.71 -26.78
C LEU A 132 -7.08 16.96 -27.66
N GLN A 133 -6.12 17.04 -28.58
CA GLN A 133 -6.09 18.17 -29.51
C GLN A 133 -7.17 18.05 -30.57
N VAL A 134 -7.33 16.85 -31.14
CA VAL A 134 -8.24 16.66 -32.26
C VAL A 134 -9.68 16.92 -31.85
N TYR A 135 -10.07 16.48 -30.66
CA TYR A 135 -11.42 16.71 -30.17
C TYR A 135 -11.52 17.96 -29.33
N ARG A 136 -10.43 18.72 -29.19
CA ARG A 136 -10.45 20.02 -28.52
C ARG A 136 -11.02 19.90 -27.12
N LEU A 137 -10.68 18.83 -26.44
CA LEU A 137 -11.28 18.53 -25.16
C LEU A 137 -10.71 19.45 -24.08
N PRO A 138 -11.53 19.87 -23.12
CA PRO A 138 -11.03 20.72 -22.03
C PRO A 138 -10.00 19.98 -21.19
N ALA A 139 -9.14 20.76 -20.53
CA ALA A 139 -8.22 20.18 -19.55
C ALA A 139 -9.01 19.43 -18.49
N ARG A 140 -8.46 18.31 -18.02
CA ARG A 140 -9.02 17.50 -16.96
C ARG A 140 -10.32 16.81 -17.36
N SER A 141 -10.58 16.62 -18.66
CA SER A 141 -11.80 15.95 -19.07
C SER A 141 -11.59 14.48 -19.43
N LEU A 142 -10.37 14.07 -19.78
CA LEU A 142 -10.07 12.66 -19.95
C LEU A 142 -9.30 12.15 -18.75
N GLU A 143 -9.81 11.07 -18.15
CA GLU A 143 -9.16 10.38 -17.04
C GLU A 143 -8.74 9.00 -17.49
N LEU A 144 -7.47 8.67 -17.26
CA LEU A 144 -6.94 7.35 -17.60
C LEU A 144 -6.80 6.54 -16.31
N GLU A 145 -7.39 5.35 -16.31
CA GLU A 145 -7.41 4.47 -15.15
C GLU A 145 -6.32 3.41 -15.33
N VAL A 146 -5.45 3.29 -14.32
CA VAL A 146 -4.39 2.29 -14.32
C VAL A 146 -4.55 1.46 -13.04
N THR A 147 -4.03 0.24 -13.07
CA THR A 147 -4.10 -0.61 -11.89
C THR A 147 -2.78 -0.57 -11.11
N GLU A 148 -2.86 -1.01 -9.85
CA GLU A 148 -1.66 -1.11 -9.03
C GLU A 148 -0.64 -2.05 -9.68
N THR A 149 -1.12 -3.15 -10.26
CA THR A 149 -0.22 -4.07 -10.94
C THR A 149 0.45 -3.41 -12.13
N GLY A 150 -0.31 -2.66 -12.93
CA GLY A 150 0.29 -1.95 -14.05
C GLY A 150 1.43 -1.05 -13.61
N LEU A 151 1.27 -0.34 -12.50
CA LEU A 151 2.33 0.51 -11.99
C LEU A 151 3.54 -0.30 -11.53
N MET A 152 3.32 -1.49 -10.97
CA MET A 152 4.40 -2.19 -10.28
C MET A 152 5.39 -2.87 -11.22
N GLU A 153 4.99 -3.24 -12.44
CA GLU A 153 5.93 -3.92 -13.34
C GLU A 153 7.20 -3.09 -13.55
N ASP A 154 7.06 -1.78 -13.72
CA ASP A 154 8.21 -0.92 -13.99
C ASP A 154 7.78 0.50 -13.61
N ILE A 155 7.92 0.82 -12.32
CA ILE A 155 7.45 2.12 -11.82
C ILE A 155 8.20 3.26 -12.49
N SER A 156 9.45 3.00 -12.91
CA SER A 156 10.22 4.05 -13.57
C SER A 156 9.55 4.49 -14.87
N THR A 157 9.24 3.54 -15.74
CA THR A 157 8.61 3.88 -17.01
C THR A 157 7.18 4.37 -16.80
N ALA A 158 6.44 3.74 -15.87
CA ALA A 158 5.07 4.19 -15.60
C ALA A 158 5.05 5.64 -15.16
N ALA A 159 5.97 6.02 -14.26
CA ALA A 159 6.03 7.40 -13.79
C ALA A 159 6.27 8.37 -14.93
N GLN A 160 7.23 8.06 -15.80
CA GLN A 160 7.52 8.91 -16.95
C GLN A 160 6.30 9.09 -17.84
N HIS A 161 5.62 7.98 -18.16
CA HIS A 161 4.44 8.08 -19.03
C HIS A 161 3.29 8.80 -18.34
N LEU A 162 3.07 8.54 -17.04
CA LEU A 162 1.99 9.22 -16.35
C LEU A 162 2.23 10.72 -16.30
N LEU A 163 3.48 11.13 -16.03
CA LEU A 163 3.77 12.56 -16.02
C LEU A 163 3.52 13.18 -17.39
N SER A 164 3.91 12.49 -18.45
CA SER A 164 3.67 12.99 -19.79
C SER A 164 2.17 13.08 -20.07
N LEU A 165 1.38 12.09 -19.62
CA LEU A 165 -0.06 12.15 -19.84
C LEU A 165 -0.68 13.31 -19.09
N ARG A 166 -0.27 13.52 -17.83
CA ARG A 166 -0.77 14.65 -17.08
C ARG A 166 -0.38 15.96 -17.74
N ARG A 167 0.86 16.03 -18.23
CA ARG A 167 1.32 17.25 -18.90
C ARG A 167 0.45 17.59 -20.10
N ALA A 168 -0.10 16.57 -20.77
CA ALA A 168 -0.95 16.80 -21.92
C ALA A 168 -2.38 17.21 -21.55
N GLY A 169 -2.77 17.08 -20.29
CA GLY A 169 -4.10 17.48 -19.84
C GLY A 169 -4.94 16.35 -19.25
N ALA A 170 -4.50 15.10 -19.35
CA ALA A 170 -5.27 13.98 -18.82
C ALA A 170 -5.12 13.87 -17.31
N LEU A 171 -6.18 13.41 -16.66
CA LEU A 171 -6.12 13.00 -15.26
C LEU A 171 -5.77 11.51 -15.18
N ILE A 172 -5.27 11.10 -14.02
CA ILE A 172 -4.91 9.70 -13.79
C ILE A 172 -5.56 9.22 -12.50
N ALA A 173 -6.18 8.04 -12.57
CA ALA A 173 -6.80 7.40 -11.42
C ALA A 173 -6.29 5.97 -11.29
N ILE A 174 -6.21 5.48 -10.06
CA ILE A 174 -5.86 4.08 -9.81
C ILE A 174 -7.14 3.27 -9.69
N ASP A 175 -7.30 2.29 -10.56
CA ASP A 175 -8.46 1.40 -10.60
C ASP A 175 -8.23 0.20 -9.69
N ASP A 176 -9.34 -0.40 -9.24
CA ASP A 176 -9.32 -1.67 -8.49
C ASP A 176 -8.43 -1.56 -7.24
N PHE A 177 -8.43 -0.40 -6.60
CA PHE A 177 -7.48 -0.18 -5.52
C PHE A 177 -7.78 -1.08 -4.33
N GLY A 178 -6.72 -1.60 -3.72
CA GLY A 178 -6.82 -2.53 -2.61
C GLY A 178 -6.59 -3.98 -2.98
N THR A 179 -6.60 -4.31 -4.28
CA THR A 179 -6.37 -5.67 -4.73
C THR A 179 -4.95 -5.94 -5.18
N GLY A 180 -4.13 -4.90 -5.35
CA GLY A 180 -2.74 -5.06 -5.72
C GLY A 180 -1.82 -4.63 -4.60
N TYR A 181 -0.57 -4.33 -4.98
CA TYR A 181 0.42 -3.81 -4.06
C TYR A 181 0.74 -2.37 -4.43
N SER A 182 0.80 -1.50 -3.42
CA SER A 182 1.07 -0.08 -3.61
C SER A 182 2.09 0.40 -2.59
N SER A 183 2.88 1.38 -3.00
CA SER A 183 3.80 2.09 -2.12
C SER A 183 3.22 3.47 -1.84
N LEU A 184 3.04 3.79 -0.56
CA LEU A 184 2.56 5.12 -0.21
C LEU A 184 3.50 6.21 -0.72
N SER A 185 4.81 5.92 -0.71
CA SER A 185 5.78 6.85 -1.29
C SER A 185 5.44 7.20 -2.73
N TYR A 186 5.21 6.17 -3.56
CA TYR A 186 4.90 6.42 -4.97
C TYR A 186 3.49 6.97 -5.16
N LEU A 187 2.53 6.55 -4.33
CA LEU A 187 1.17 7.08 -4.45
C LEU A 187 1.17 8.60 -4.36
N LYS A 188 1.87 9.15 -3.37
CA LYS A 188 1.94 10.59 -3.25
C LYS A 188 2.85 11.21 -4.32
N SER A 189 3.89 10.48 -4.73
CA SER A 189 4.85 11.03 -5.69
C SER A 189 4.29 11.11 -7.11
N LEU A 190 3.45 10.18 -7.50
CA LEU A 190 2.91 10.14 -8.86
C LEU A 190 1.84 11.21 -9.05
N PRO A 191 1.53 11.56 -10.31
CA PRO A 191 0.46 12.53 -10.57
C PRO A 191 -0.92 11.88 -10.56
N LEU A 192 -1.29 11.31 -9.42
CA LEU A 192 -2.54 10.57 -9.29
C LEU A 192 -3.61 11.48 -8.70
N ASP A 193 -4.77 11.52 -9.35
CA ASP A 193 -5.82 12.42 -8.93
C ASP A 193 -6.96 11.71 -8.19
N LYS A 194 -7.11 10.40 -8.37
CA LYS A 194 -8.28 9.70 -7.84
C LYS A 194 -7.94 8.25 -7.55
N ILE A 195 -8.56 7.70 -6.52
CA ILE A 195 -8.49 6.28 -6.16
C ILE A 195 -9.89 5.68 -6.33
N LYS A 196 -9.98 4.55 -7.02
CA LYS A 196 -11.24 3.83 -7.21
C LYS A 196 -11.22 2.59 -6.32
N ILE A 197 -12.13 2.53 -5.35
CA ILE A 197 -12.21 1.34 -4.49
C ILE A 197 -12.66 0.15 -5.32
N ASP A 198 -11.93 -0.96 -5.20
CA ASP A 198 -12.33 -2.16 -5.93
C ASP A 198 -13.73 -2.59 -5.51
N LYS A 199 -14.54 -2.99 -6.50
CA LYS A 199 -15.92 -3.33 -6.19
C LYS A 199 -16.03 -4.53 -5.25
N SER A 200 -15.00 -5.38 -5.19
CA SER A 200 -15.06 -6.54 -4.29
C SER A 200 -15.26 -6.11 -2.85
N PHE A 201 -14.77 -4.93 -2.48
CA PHE A 201 -14.92 -4.46 -1.10
C PHE A 201 -16.27 -3.78 -0.92
N VAL A 202 -16.75 -3.06 -1.92
CA VAL A 202 -17.99 -2.31 -1.78
C VAL A 202 -19.19 -3.23 -1.87
N GLN A 203 -19.13 -4.23 -2.74
CA GLN A 203 -20.30 -5.07 -3.00
C GLN A 203 -20.76 -5.77 -1.74
N ASP A 204 -19.83 -6.23 -0.92
CA ASP A 204 -20.12 -6.92 0.33
C ASP A 204 -19.91 -6.02 1.54
N LEU A 205 -20.15 -4.71 1.35
CA LEU A 205 -19.91 -3.72 2.40
C LEU A 205 -20.72 -4.03 3.65
N LEU A 206 -22.03 -4.14 3.50
CA LEU A 206 -22.91 -4.27 4.65
C LEU A 206 -22.84 -5.65 5.30
N GLN A 207 -22.08 -6.58 4.72
CA GLN A 207 -21.99 -7.93 5.24
C GLN A 207 -20.69 -8.16 6.01
N ASP A 208 -19.57 -8.28 5.30
CA ASP A 208 -18.28 -8.44 5.96
C ASP A 208 -17.80 -7.13 6.54
N GLU A 209 -17.28 -7.19 7.77
CA GLU A 209 -16.84 -6.00 8.45
C GLU A 209 -15.33 -5.79 8.33
N ASP A 210 -14.60 -6.77 7.81
CA ASP A 210 -13.26 -6.49 7.28
C ASP A 210 -13.33 -5.79 5.93
N ASP A 211 -14.34 -6.11 5.12
CA ASP A 211 -14.54 -5.36 3.88
C ASP A 211 -14.89 -3.91 4.18
N ALA A 212 -15.83 -3.68 5.08
CA ALA A 212 -16.14 -2.31 5.50
C ALA A 212 -14.90 -1.61 6.04
N THR A 213 -14.08 -2.32 6.81
CA THR A 213 -12.87 -1.71 7.35
C THR A 213 -11.96 -1.25 6.22
N ILE A 214 -11.75 -2.11 5.21
CA ILE A 214 -10.90 -1.74 4.10
C ILE A 214 -11.50 -0.59 3.29
N VAL A 215 -12.83 -0.60 3.11
CA VAL A 215 -13.48 0.53 2.45
C VAL A 215 -13.22 1.82 3.22
N ARG A 216 -13.48 1.80 4.53
CA ARG A 216 -13.21 2.98 5.33
C ARG A 216 -11.74 3.38 5.23
N ALA A 217 -10.83 2.38 5.24
CA ALA A 217 -9.41 2.70 5.22
C ALA A 217 -8.99 3.36 3.90
N ILE A 218 -9.50 2.85 2.78
CA ILE A 218 -9.17 3.45 1.48
C ILE A 218 -9.70 4.88 1.39
N ILE A 219 -10.94 5.08 1.86
CA ILE A 219 -11.53 6.43 1.89
C ILE A 219 -10.61 7.38 2.63
N GLN A 220 -10.22 7.00 3.85
CA GLN A 220 -9.37 7.87 4.67
C GLN A 220 -7.98 8.02 4.08
N LEU A 221 -7.46 6.99 3.41
CA LEU A 221 -6.16 7.11 2.76
C LEU A 221 -6.21 8.08 1.60
N GLY A 222 -7.30 8.06 0.83
CA GLY A 222 -7.46 9.09 -0.20
C GLY A 222 -7.53 10.48 0.39
N LYS A 223 -8.31 10.65 1.46
CA LYS A 223 -8.40 11.93 2.15
C LYS A 223 -7.04 12.39 2.66
N SER A 224 -6.31 11.49 3.32
CA SER A 224 -5.00 11.84 3.88
C SER A 224 -4.05 12.33 2.80
N LEU A 225 -4.12 11.78 1.59
CA LEU A 225 -3.20 12.12 0.53
C LEU A 225 -3.71 13.18 -0.42
N GLY A 226 -4.89 13.75 -0.15
CA GLY A 226 -5.44 14.77 -1.02
C GLY A 226 -6.00 14.26 -2.32
N MET A 227 -6.48 13.02 -2.35
CA MET A 227 -7.01 12.41 -3.56
C MET A 227 -8.51 12.19 -3.43
N GLN A 228 -9.23 12.37 -4.54
CA GLN A 228 -10.63 12.01 -4.56
C GLN A 228 -10.77 10.50 -4.51
N VAL A 229 -11.86 10.03 -3.94
CA VAL A 229 -12.11 8.60 -3.86
C VAL A 229 -13.49 8.33 -4.43
N ILE A 230 -13.57 7.30 -5.27
CA ILE A 230 -14.83 6.86 -5.85
C ILE A 230 -15.04 5.38 -5.52
N ALA A 231 -16.25 5.05 -5.09
CA ALA A 231 -16.58 3.67 -4.78
C ALA A 231 -17.17 3.02 -6.02
N GLU A 232 -16.60 1.89 -6.42
CA GLU A 232 -17.17 1.12 -7.52
C GLU A 232 -18.00 -0.02 -6.98
N GLY A 233 -19.04 -0.40 -7.72
CA GLY A 233 -19.88 -1.50 -7.32
C GLY A 233 -20.96 -1.15 -6.34
N VAL A 234 -21.36 0.12 -6.26
CA VAL A 234 -22.44 0.53 -5.37
C VAL A 234 -23.75 -0.04 -5.93
N GLU A 235 -24.38 -0.93 -5.17
CA GLU A 235 -25.59 -1.60 -5.63
C GLU A 235 -26.85 -1.13 -4.93
N THR A 236 -26.77 -0.69 -3.67
CA THR A 236 -27.95 -0.37 -2.87
C THR A 236 -27.82 1.00 -2.21
N ALA A 237 -28.97 1.63 -1.98
CA ALA A 237 -29.00 2.93 -1.31
C ALA A 237 -28.35 2.87 0.08
N GLU A 238 -28.49 1.75 0.77
CA GLU A 238 -27.87 1.62 2.09
C GLU A 238 -26.35 1.59 1.99
N GLN A 239 -25.81 0.99 0.92
CA GLN A 239 -24.38 1.06 0.67
C GLN A 239 -23.94 2.49 0.42
N GLU A 240 -24.68 3.21 -0.43
CA GLU A 240 -24.36 4.60 -0.70
C GLU A 240 -24.38 5.41 0.59
N ALA A 241 -25.36 5.18 1.46
CA ALA A 241 -25.46 5.96 2.69
C ALA A 241 -24.25 5.71 3.57
N TYR A 242 -23.80 4.46 3.65
CA TYR A 242 -22.64 4.13 4.48
C TYR A 242 -21.37 4.82 3.97
N ILE A 243 -21.11 4.74 2.66
CA ILE A 243 -19.87 5.31 2.14
C ILE A 243 -19.90 6.83 2.18
N ILE A 244 -21.08 7.44 2.01
CA ILE A 244 -21.16 8.89 2.12
C ILE A 244 -20.87 9.32 3.55
N ALA A 245 -21.40 8.59 4.53
CA ALA A 245 -21.16 8.93 5.93
C ALA A 245 -19.69 8.82 6.29
N GLU A 246 -18.97 7.91 5.64
CA GLU A 246 -17.55 7.74 5.91
C GLU A 246 -16.65 8.63 5.07
N GLY A 247 -17.21 9.47 4.20
CA GLY A 247 -16.44 10.50 3.53
C GLY A 247 -16.13 10.24 2.07
N CYS A 248 -16.75 9.26 1.44
CA CYS A 248 -16.44 8.95 0.05
C CYS A 248 -16.96 10.07 -0.85
N ASN A 249 -16.22 10.36 -1.92
CA ASN A 249 -16.52 11.52 -2.77
C ASN A 249 -17.49 11.21 -3.89
N GLU A 250 -17.35 10.03 -4.51
CA GLU A 250 -18.10 9.70 -5.72
C GLU A 250 -18.51 8.23 -5.69
N GLY A 251 -19.44 7.88 -6.57
CA GLY A 251 -19.94 6.52 -6.63
C GLY A 251 -20.17 6.09 -8.07
N GLN A 252 -20.10 4.78 -8.27
CA GLN A 252 -20.32 4.15 -9.56
C GLN A 252 -20.88 2.75 -9.31
N GLY A 253 -21.80 2.31 -10.17
CA GLY A 253 -22.39 0.99 -10.00
C GLY A 253 -23.87 0.89 -10.34
N TYR A 254 -24.43 -0.32 -10.19
CA TYR A 254 -25.80 -0.59 -10.62
C TYR A 254 -26.81 0.36 -9.99
N LEU A 255 -26.58 0.79 -8.75
CA LEU A 255 -27.49 1.73 -8.10
C LEU A 255 -27.76 2.94 -8.96
N TYR A 256 -26.73 3.42 -9.67
CA TYR A 256 -26.89 4.55 -10.57
C TYR A 256 -27.30 4.08 -11.96
N SER A 257 -26.50 3.19 -12.55
CA SER A 257 -26.83 2.56 -13.82
C SER A 257 -25.81 1.47 -14.10
N LYS A 258 -26.28 0.33 -14.63
CA LYS A 258 -25.37 -0.62 -15.23
C LYS A 258 -24.70 0.05 -16.43
N PRO A 259 -23.63 -0.53 -16.96
CA PRO A 259 -23.05 -0.01 -18.20
C PRO A 259 -24.08 -0.06 -19.33
N LEU A 260 -24.12 1.02 -20.10
CA LEU A 260 -25.12 1.25 -21.14
C LEU A 260 -24.44 1.54 -22.46
N PRO A 261 -25.06 1.14 -23.57
CA PRO A 261 -24.60 1.64 -24.87
C PRO A 261 -24.78 3.15 -24.94
N ALA A 262 -24.04 3.76 -25.86
CA ALA A 262 -23.97 5.23 -25.94
C ALA A 262 -25.35 5.86 -26.09
N ARG A 263 -26.20 5.31 -26.95
CA ARG A 263 -27.50 5.94 -27.16
C ARG A 263 -28.34 5.93 -25.89
N GLU A 264 -28.23 4.86 -25.09
CA GLU A 264 -29.01 4.80 -23.86
C GLU A 264 -28.41 5.65 -22.75
N LEU A 265 -27.09 5.77 -22.69
CA LEU A 265 -26.54 6.65 -21.68
C LEU A 265 -26.82 8.12 -22.01
N THR A 266 -26.88 8.47 -23.30
CA THR A 266 -27.31 9.83 -23.67
C THR A 266 -28.68 10.16 -23.08
N GLN A 267 -29.63 9.22 -23.15
CA GLN A 267 -30.94 9.45 -22.55
C GLN A 267 -30.84 9.53 -21.02
N TYR A 268 -30.00 8.68 -20.42
CA TYR A 268 -29.83 8.73 -18.98
C TYR A 268 -29.22 10.06 -18.55
N LEU A 269 -28.25 10.56 -19.32
CA LEU A 269 -27.55 11.77 -18.94
C LEU A 269 -28.43 13.00 -19.12
N LYS A 270 -29.23 13.03 -20.19
CA LYS A 270 -30.19 14.11 -20.37
C LYS A 270 -31.25 14.09 -19.28
N GLN A 271 -31.77 12.91 -18.93
CA GLN A 271 -32.72 12.81 -17.83
C GLN A 271 -32.08 13.23 -16.52
N ALA A 272 -30.84 12.79 -16.25
CA ALA A 272 -30.18 13.13 -14.99
C ALA A 272 -29.88 14.61 -14.88
N ARG A 273 -29.55 15.26 -15.99
CA ARG A 273 -29.23 16.69 -15.98
C ARG A 273 -30.44 17.57 -16.26
N ARG A 274 -31.62 16.99 -16.52
CA ARG A 274 -32.80 17.78 -16.84
C ARG A 274 -33.06 18.85 -15.80
N LEU A 275 -33.23 18.45 -14.55
CA LEU A 275 -33.69 19.35 -13.49
C LEU A 275 -32.52 20.02 -12.75
N GLU B 21 36.86 -9.53 1.35
CA GLU B 21 37.34 -9.93 2.67
C GLU B 21 36.27 -9.64 3.72
N LEU B 22 35.36 -8.71 3.40
CA LEU B 22 34.31 -8.36 4.34
C LEU B 22 33.31 -9.50 4.49
N GLU B 23 32.83 -10.04 3.36
CA GLU B 23 31.98 -11.22 3.41
C GLU B 23 32.68 -12.37 4.11
N LYS B 24 33.97 -12.55 3.84
CA LYS B 24 34.76 -13.58 4.52
C LYS B 24 34.80 -13.35 6.02
N ASP B 25 35.07 -12.11 6.43
CA ASP B 25 35.16 -11.80 7.86
C ASP B 25 33.82 -12.03 8.56
N LEU B 26 32.71 -11.76 7.86
CA LEU B 26 31.40 -11.93 8.47
C LEU B 26 31.06 -13.40 8.68
N ARG B 27 31.67 -14.29 7.89
CA ARG B 27 31.39 -15.72 8.05
C ARG B 27 31.67 -16.21 9.47
N ASP B 28 32.64 -15.61 10.14
CA ASP B 28 33.05 -16.04 11.47
C ASP B 28 32.98 -14.92 12.50
N ALA B 29 32.27 -13.84 12.19
CA ALA B 29 32.16 -12.75 13.14
C ALA B 29 31.54 -13.23 14.45
N LEU B 30 30.74 -14.29 14.42
CA LEU B 30 29.99 -14.60 15.63
C LEU B 30 30.85 -15.36 16.65
N GLN B 31 31.55 -16.46 16.26
CA GLN B 31 32.62 -16.91 17.16
C GLN B 31 33.62 -15.82 17.54
N ARG B 32 33.97 -14.91 16.65
CA ARG B 32 34.95 -13.96 17.16
C ARG B 32 34.35 -12.92 18.09
N HIS B 33 33.06 -13.07 18.48
CA HIS B 33 32.39 -12.16 19.42
C HIS B 33 32.48 -10.71 18.95
N GLU B 34 32.41 -10.50 17.64
CA GLU B 34 32.41 -9.16 17.09
C GLU B 34 31.01 -8.56 16.98
N LEU B 35 29.97 -9.33 17.24
CA LEU B 35 28.61 -8.83 17.26
C LEU B 35 28.19 -8.48 18.67
N HIS B 36 27.43 -7.39 18.82
CA HIS B 36 26.78 -7.08 20.08
C HIS B 36 25.43 -6.42 19.80
N LEU B 37 24.61 -6.32 20.85
CA LEU B 37 23.32 -5.63 20.74
C LEU B 37 23.37 -4.28 21.43
N VAL B 38 22.63 -3.33 20.86
CA VAL B 38 22.26 -2.11 21.57
C VAL B 38 20.75 -2.03 21.60
N TYR B 39 20.23 -1.17 22.47
CA TYR B 39 18.81 -1.18 22.77
C TYR B 39 18.26 0.23 22.76
N GLN B 40 17.13 0.42 22.08
CA GLN B 40 16.51 1.73 21.98
C GLN B 40 15.10 1.70 22.57
N PRO B 41 14.79 2.57 23.51
CA PRO B 41 13.47 2.54 24.16
C PRO B 41 12.36 3.07 23.28
N GLN B 42 11.14 2.64 23.59
CA GLN B 42 9.93 3.03 22.90
C GLN B 42 8.93 3.56 23.93
N VAL B 43 8.31 4.70 23.62
CA VAL B 43 7.45 5.43 24.55
C VAL B 43 6.01 5.36 24.07
N ASP B 44 5.08 5.07 24.98
CA ASP B 44 3.66 5.08 24.68
C ASP B 44 3.09 6.45 24.99
N TYR B 45 2.35 7.03 24.05
CA TYR B 45 1.89 8.40 24.21
C TYR B 45 0.59 8.51 24.99
N ARG B 46 -0.07 7.38 25.29
CA ARG B 46 -1.24 7.39 26.15
C ARG B 46 -0.90 7.88 27.55
N ASP B 47 0.32 7.59 28.01
CA ASP B 47 0.74 8.03 29.33
C ASP B 47 2.22 8.38 29.39
N HIS B 48 2.90 8.49 28.26
CA HIS B 48 4.30 8.93 28.18
C HIS B 48 5.18 8.11 29.12
N ARG B 49 5.09 6.80 28.94
CA ARG B 49 5.78 5.82 29.75
C ARG B 49 6.53 4.89 28.81
N VAL B 50 7.72 4.45 29.24
CA VAL B 50 8.50 3.52 28.43
C VAL B 50 7.81 2.16 28.42
N VAL B 51 7.43 1.70 27.23
CA VAL B 51 6.69 0.44 27.12
C VAL B 51 7.46 -0.66 26.42
N GLY B 52 8.56 -0.34 25.73
CA GLY B 52 9.25 -1.37 24.99
C GLY B 52 10.67 -0.97 24.68
N VAL B 53 11.43 -1.92 24.17
CA VAL B 53 12.80 -1.71 23.75
C VAL B 53 13.01 -2.46 22.45
N GLU B 54 13.69 -1.85 21.48
CA GLU B 54 14.12 -2.53 20.27
C GLU B 54 15.58 -2.97 20.41
N ALA B 55 15.82 -4.26 20.17
CA ALA B 55 17.18 -4.78 20.12
C ALA B 55 17.74 -4.56 18.73
N LEU B 56 18.94 -3.98 18.66
CA LEU B 56 19.54 -3.64 17.38
C LEU B 56 20.93 -4.27 17.28
N LEU B 57 21.17 -4.99 16.19
CA LEU B 57 22.43 -5.69 15.99
C LEU B 57 23.52 -4.73 15.51
N ARG B 58 24.72 -4.88 16.11
CA ARG B 58 25.90 -4.14 15.72
C ARG B 58 27.04 -5.11 15.45
N TRP B 59 27.89 -4.75 14.49
CA TRP B 59 29.12 -5.48 14.19
C TRP B 59 30.26 -4.48 14.23
N GLN B 60 31.05 -4.47 15.29
CA GLN B 60 32.21 -3.57 15.37
C GLN B 60 33.45 -4.41 15.08
N HIS B 61 33.90 -4.33 13.82
CA HIS B 61 35.04 -5.10 13.36
C HIS B 61 36.33 -4.48 13.89
N PRO B 62 37.29 -5.31 14.33
CA PRO B 62 38.51 -4.75 14.93
C PRO B 62 39.34 -3.89 13.98
N LEU B 63 39.29 -4.17 12.67
CA LEU B 63 40.00 -3.37 11.68
C LEU B 63 39.13 -2.33 11.01
N HIS B 64 37.86 -2.63 10.77
CA HIS B 64 37.02 -1.79 9.93
C HIS B 64 36.14 -0.84 10.72
N GLY B 65 35.96 -1.06 12.02
CA GLY B 65 34.99 -0.30 12.77
C GLY B 65 33.60 -0.87 12.60
N PHE B 66 32.60 -0.06 12.97
CA PHE B 66 31.21 -0.48 12.76
C PHE B 66 30.94 -0.72 11.29
N VAL B 67 30.38 -1.87 10.98
CA VAL B 67 29.91 -2.19 9.64
C VAL B 67 28.40 -1.97 9.64
N PRO B 68 27.87 -1.17 8.71
CA PRO B 68 26.42 -0.86 8.75
C PRO B 68 25.58 -2.11 8.60
N PRO B 69 24.53 -2.23 9.41
CA PRO B 69 23.61 -3.37 9.24
C PRO B 69 23.00 -3.44 7.85
N ASP B 70 22.71 -2.30 7.24
CA ASP B 70 22.23 -2.30 5.87
C ASP B 70 23.24 -2.92 4.90
N LEU B 71 24.50 -3.03 5.31
CA LEU B 71 25.51 -3.70 4.51
C LEU B 71 25.64 -5.19 4.87
N PHE B 72 25.83 -5.51 6.16
CA PHE B 72 26.23 -6.88 6.49
C PHE B 72 25.06 -7.86 6.61
N ILE B 73 23.84 -7.38 6.86
CA ILE B 73 22.69 -8.28 6.85
C ILE B 73 22.33 -8.78 5.45
N PRO B 74 22.32 -7.97 4.39
CA PRO B 74 22.25 -8.59 3.05
C PRO B 74 23.38 -9.56 2.79
N LEU B 75 24.59 -9.26 3.28
CA LEU B 75 25.70 -10.21 3.14
C LEU B 75 25.45 -11.49 3.92
N ALA B 76 24.92 -11.37 5.15
CA ALA B 76 24.58 -12.55 5.93
C ALA B 76 23.48 -13.36 5.28
N GLU B 77 22.57 -12.71 4.55
CA GLU B 77 21.50 -13.44 3.86
C GLU B 77 22.01 -14.19 2.64
N GLN B 78 23.03 -13.68 1.95
CA GLN B 78 23.56 -14.41 0.81
C GLN B 78 24.49 -15.55 1.24
N ASN B 79 25.34 -15.32 2.24
CA ASN B 79 26.30 -16.34 2.64
C ASN B 79 25.75 -17.33 3.67
N GLY B 80 24.49 -17.19 4.07
CA GLY B 80 23.87 -18.12 5.00
C GLY B 80 24.21 -17.92 6.46
N SER B 81 24.97 -16.88 6.82
CA SER B 81 25.26 -16.63 8.22
C SER B 81 24.07 -16.06 8.99
N ILE B 82 23.03 -15.60 8.29
CA ILE B 82 21.92 -14.87 8.92
C ILE B 82 21.17 -15.75 9.90
N PHE B 83 21.05 -17.05 9.61
CA PHE B 83 20.27 -17.93 10.47
C PHE B 83 20.88 -18.01 11.86
N SER B 84 22.17 -18.34 11.95
CA SER B 84 22.81 -18.48 13.25
C SER B 84 22.93 -17.14 13.95
N ILE B 85 23.23 -16.07 13.19
CA ILE B 85 23.27 -14.73 13.76
C ILE B 85 21.90 -14.34 14.29
N GLY B 86 20.85 -14.58 13.49
CA GLY B 86 19.50 -14.27 13.94
C GLY B 86 19.10 -15.04 15.18
N GLU B 87 19.48 -16.32 15.26
CA GLU B 87 19.17 -17.10 16.45
C GLU B 87 19.90 -16.56 17.67
N TRP B 88 21.15 -16.10 17.47
CA TRP B 88 21.90 -15.52 18.57
C TRP B 88 21.27 -14.20 19.04
N VAL B 89 20.76 -13.39 18.11
CA VAL B 89 20.14 -12.11 18.47
C VAL B 89 18.88 -12.35 19.30
N LEU B 90 18.02 -13.24 18.83
CA LEU B 90 16.79 -13.53 19.57
C LEU B 90 17.12 -14.08 20.96
N ASP B 91 18.12 -14.96 21.04
CA ASP B 91 18.48 -15.55 22.33
C ASP B 91 18.99 -14.49 23.29
N GLN B 92 19.92 -13.64 22.84
CA GLN B 92 20.43 -12.58 23.69
C GLN B 92 19.35 -11.58 24.07
N ALA B 93 18.42 -11.30 23.15
CA ALA B 93 17.38 -10.32 23.45
C ALA B 93 16.38 -10.87 24.44
N CYS B 94 15.95 -12.13 24.28
CA CYS B 94 15.06 -12.75 25.25
C CYS B 94 15.72 -12.88 26.63
N ARG B 95 17.01 -13.21 26.66
CA ARG B 95 17.71 -13.27 27.94
C ARG B 95 17.70 -11.93 28.65
N GLN B 96 17.95 -10.86 27.91
CA GLN B 96 17.97 -9.54 28.51
C GLN B 96 16.58 -9.11 28.97
N LEU B 97 15.54 -9.49 28.23
CA LEU B 97 14.18 -9.19 28.68
C LEU B 97 13.87 -9.88 29.99
N ARG B 98 14.22 -11.17 30.11
CA ARG B 98 14.07 -11.91 31.36
C ARG B 98 14.78 -11.21 32.51
N GLU B 99 15.98 -10.68 32.26
CA GLU B 99 16.72 -10.00 33.32
C GLU B 99 16.00 -8.71 33.74
N TRP B 100 15.48 -7.95 32.78
CA TRP B 100 14.80 -6.70 33.12
C TRP B 100 13.45 -6.97 33.78
N HIS B 101 12.75 -8.01 33.33
CA HIS B 101 11.52 -8.39 34.03
C HIS B 101 11.81 -8.73 35.48
N ASP B 102 12.85 -9.55 35.71
CA ASP B 102 13.21 -9.87 37.10
C ASP B 102 13.71 -8.67 37.89
N GLN B 103 14.19 -7.62 37.23
CA GLN B 103 14.57 -6.40 37.94
C GLN B 103 13.39 -5.49 38.20
N GLY B 104 12.18 -5.91 37.87
CA GLY B 104 10.98 -5.18 38.22
C GLY B 104 10.32 -4.44 37.08
N PHE B 105 10.83 -4.55 35.86
CA PHE B 105 10.24 -3.90 34.71
C PHE B 105 9.32 -4.88 33.98
N ASP B 106 8.30 -5.31 34.73
CA ASP B 106 7.62 -6.59 34.51
C ASP B 106 6.95 -6.67 33.16
N ASP B 107 6.47 -5.53 32.68
CA ASP B 107 5.58 -5.40 31.54
C ASP B 107 6.30 -5.02 30.25
N LEU B 108 7.60 -4.75 30.34
CA LEU B 108 8.41 -4.33 29.20
C LEU B 108 8.32 -5.31 28.05
N ARG B 109 8.28 -4.77 26.85
CA ARG B 109 8.28 -5.56 25.63
C ARG B 109 9.63 -5.41 24.93
N MET B 110 10.07 -6.49 24.29
CA MET B 110 11.29 -6.53 23.48
C MET B 110 10.93 -6.70 22.01
N ALA B 111 11.53 -5.88 21.14
CA ALA B 111 11.29 -5.97 19.70
C ALA B 111 12.57 -6.36 18.99
N VAL B 112 12.46 -7.31 18.05
CA VAL B 112 13.60 -7.83 17.33
C VAL B 112 13.27 -7.82 15.84
N ASN B 113 14.22 -7.40 15.02
CA ASN B 113 14.02 -7.36 13.57
C ASN B 113 14.29 -8.74 12.96
N LEU B 114 13.42 -9.15 12.04
CA LEU B 114 13.62 -10.37 11.26
C LEU B 114 13.90 -10.02 9.81
N SER B 115 14.99 -10.55 9.27
CA SER B 115 15.31 -10.33 7.88
C SER B 115 14.36 -11.16 7.00
N THR B 116 14.35 -10.85 5.70
CA THR B 116 13.48 -11.58 4.78
C THR B 116 13.79 -13.08 4.82
N VAL B 117 15.08 -13.42 4.72
CA VAL B 117 15.47 -14.83 4.67
C VAL B 117 15.10 -15.53 5.98
N GLN B 118 15.31 -14.84 7.11
CA GLN B 118 14.88 -15.38 8.40
C GLN B 118 13.38 -15.66 8.42
N LEU B 119 12.60 -14.66 8.03
CA LEU B 119 11.15 -14.76 8.06
C LEU B 119 10.65 -15.96 7.26
N HIS B 120 11.32 -16.30 6.17
CA HIS B 120 10.88 -17.40 5.31
C HIS B 120 11.54 -18.72 5.64
N HIS B 121 12.37 -18.78 6.67
CA HIS B 121 13.04 -20.02 7.05
C HIS B 121 12.06 -20.94 7.80
N ASN B 122 12.06 -22.21 7.41
CA ASN B 122 11.14 -23.19 7.97
C ASN B 122 11.20 -23.27 9.49
N ALA B 123 12.38 -23.09 10.06
CA ALA B 123 12.60 -23.29 11.49
C ALA B 123 12.33 -22.06 12.33
N LEU B 124 11.95 -20.93 11.72
CA LEU B 124 11.73 -19.72 12.52
C LEU B 124 10.69 -19.91 13.61
N PRO B 125 9.49 -20.48 13.35
CA PRO B 125 8.54 -20.66 14.45
C PRO B 125 9.09 -21.46 15.61
N ARG B 126 9.79 -22.58 15.34
CA ARG B 126 10.32 -23.37 16.45
C ARG B 126 11.41 -22.62 17.22
N VAL B 127 12.22 -21.82 16.53
CA VAL B 127 13.28 -21.08 17.20
C VAL B 127 12.69 -20.07 18.17
N VAL B 128 11.67 -19.32 17.74
CA VAL B 128 11.11 -18.29 18.62
C VAL B 128 10.36 -18.94 19.77
N SER B 129 9.55 -19.97 19.46
CA SER B 129 8.78 -20.65 20.50
C SER B 129 9.68 -21.29 21.55
N ASN B 130 10.81 -21.86 21.13
CA ASN B 130 11.78 -22.38 22.09
C ASN B 130 12.23 -21.31 23.06
N LEU B 131 12.60 -20.13 22.56
CA LEU B 131 13.18 -19.11 23.42
C LEU B 131 12.13 -18.51 24.35
N LEU B 132 10.89 -18.36 23.88
CA LEU B 132 9.82 -17.88 24.76
C LEU B 132 9.63 -18.83 25.94
N GLN B 133 9.78 -20.13 25.71
CA GLN B 133 9.59 -21.10 26.79
C GLN B 133 10.84 -21.22 27.65
N VAL B 134 12.03 -21.19 27.03
CA VAL B 134 13.28 -21.30 27.79
C VAL B 134 13.41 -20.14 28.77
N TYR B 135 13.05 -18.93 28.36
CA TYR B 135 13.18 -17.77 29.22
C TYR B 135 11.88 -17.44 29.97
N ARG B 136 10.86 -18.28 29.85
CA ARG B 136 9.60 -18.11 30.59
C ARG B 136 9.02 -16.71 30.41
N LEU B 137 9.03 -16.23 29.15
CA LEU B 137 8.56 -14.88 28.87
C LEU B 137 7.05 -14.88 28.73
N PRO B 138 6.38 -13.85 29.25
CA PRO B 138 4.92 -13.81 29.15
C PRO B 138 4.47 -13.54 27.72
N ALA B 139 3.22 -13.91 27.46
CA ALA B 139 2.66 -13.68 26.13
C ALA B 139 2.66 -12.18 25.82
N ARG B 140 2.86 -11.86 24.54
CA ARG B 140 2.90 -10.51 24.00
C ARG B 140 4.08 -9.69 24.52
N SER B 141 5.13 -10.33 25.03
CA SER B 141 6.30 -9.58 25.45
C SER B 141 7.39 -9.51 24.39
N LEU B 142 7.37 -10.41 23.39
CA LEU B 142 8.31 -10.38 22.28
C LEU B 142 7.58 -9.96 21.01
N GLU B 143 8.11 -8.94 20.35
CA GLU B 143 7.53 -8.41 19.11
C GLU B 143 8.54 -8.63 18.00
N LEU B 144 8.11 -9.21 16.89
CA LEU B 144 8.99 -9.45 15.75
C LEU B 144 8.69 -8.42 14.67
N GLU B 145 9.72 -7.71 14.22
CA GLU B 145 9.54 -6.66 13.22
C GLU B 145 9.91 -7.23 11.85
N VAL B 146 8.98 -7.15 10.91
CA VAL B 146 9.19 -7.61 9.54
C VAL B 146 8.97 -6.44 8.60
N THR B 147 9.55 -6.52 7.41
CA THR B 147 9.39 -5.40 6.48
C THR B 147 8.40 -5.78 5.39
N GLU B 148 7.87 -4.76 4.69
CA GLU B 148 6.98 -5.04 3.58
C GLU B 148 7.66 -5.87 2.51
N THR B 149 8.96 -5.62 2.28
CA THR B 149 9.71 -6.41 1.30
C THR B 149 9.75 -7.87 1.70
N GLY B 150 9.92 -8.16 2.99
CA GLY B 150 9.92 -9.54 3.43
C GLY B 150 8.59 -10.23 3.21
N LEU B 151 7.48 -9.52 3.46
CA LEU B 151 6.17 -10.12 3.25
C LEU B 151 5.91 -10.41 1.78
N MET B 152 6.29 -9.48 0.90
CA MET B 152 6.01 -9.62 -0.52
C MET B 152 6.90 -10.67 -1.19
N GLU B 153 7.97 -11.11 -0.52
CA GLU B 153 8.84 -12.14 -1.08
C GLU B 153 8.08 -13.44 -1.35
N ASP B 154 7.14 -13.80 -0.47
CA ASP B 154 6.31 -15.00 -0.60
C ASP B 154 5.18 -14.91 0.42
N ILE B 155 4.08 -14.25 0.05
CA ILE B 155 3.04 -13.92 1.02
C ILE B 155 2.46 -15.17 1.67
N SER B 156 2.42 -16.28 0.93
CA SER B 156 1.86 -17.52 1.47
C SER B 156 2.69 -18.04 2.64
N THR B 157 3.99 -18.27 2.41
CA THR B 157 4.88 -18.72 3.48
C THR B 157 4.94 -17.72 4.61
N ALA B 158 5.03 -16.41 4.28
CA ALA B 158 5.08 -15.40 5.34
C ALA B 158 3.84 -15.49 6.23
N ALA B 159 2.67 -15.65 5.62
CA ALA B 159 1.42 -15.69 6.39
C ALA B 159 1.39 -16.87 7.36
N GLN B 160 1.81 -18.06 6.91
CA GLN B 160 1.74 -19.19 7.82
C GLN B 160 2.78 -19.10 8.92
N HIS B 161 3.97 -18.56 8.62
CA HIS B 161 4.95 -18.37 9.69
C HIS B 161 4.48 -17.31 10.69
N LEU B 162 3.89 -16.22 10.20
CA LEU B 162 3.39 -15.19 11.10
C LEU B 162 2.27 -15.72 11.99
N LEU B 163 1.37 -16.53 11.43
CA LEU B 163 0.30 -17.12 12.24
C LEU B 163 0.86 -18.03 13.31
N SER B 164 1.88 -18.81 12.96
CA SER B 164 2.52 -19.67 13.96
C SER B 164 3.20 -18.85 15.05
N LEU B 165 3.88 -17.76 14.67
CA LEU B 165 4.55 -16.93 15.66
C LEU B 165 3.55 -16.30 16.61
N ARG B 166 2.46 -15.78 16.07
CA ARG B 166 1.42 -15.18 16.91
C ARG B 166 0.79 -16.25 17.80
N ARG B 167 0.59 -17.44 17.25
CA ARG B 167 0.05 -18.56 18.02
C ARG B 167 0.97 -18.90 19.19
N ALA B 168 2.28 -18.71 19.04
CA ALA B 168 3.24 -18.97 20.10
C ALA B 168 3.33 -17.85 21.13
N GLY B 169 2.64 -16.73 20.92
CA GLY B 169 2.64 -15.64 21.88
C GLY B 169 3.42 -14.41 21.48
N ALA B 170 4.01 -14.39 20.27
CA ALA B 170 4.72 -13.21 19.79
C ALA B 170 3.77 -12.22 19.15
N LEU B 171 4.16 -10.96 19.17
CA LEU B 171 3.49 -9.89 18.43
C LEU B 171 4.28 -9.61 17.14
N ILE B 172 3.57 -9.08 16.14
CA ILE B 172 4.16 -8.82 14.83
C ILE B 172 3.97 -7.35 14.47
N ALA B 173 5.06 -6.72 14.03
CA ALA B 173 5.05 -5.34 13.58
C ALA B 173 5.67 -5.26 12.19
N ILE B 174 5.18 -4.33 11.38
CA ILE B 174 5.80 -4.05 10.09
C ILE B 174 6.72 -2.85 10.25
N ASP B 175 8.01 -3.08 10.03
CA ASP B 175 9.05 -2.09 10.15
C ASP B 175 9.23 -1.34 8.83
N ASP B 176 9.78 -0.13 8.92
CA ASP B 176 10.16 0.66 7.75
C ASP B 176 8.96 0.93 6.86
N PHE B 177 7.78 1.12 7.46
CA PHE B 177 6.56 1.20 6.66
C PHE B 177 6.50 2.46 5.83
N GLY B 178 6.08 2.29 4.59
CA GLY B 178 5.99 3.37 3.64
C GLY B 178 7.06 3.34 2.59
N THR B 179 8.14 2.56 2.80
CA THR B 179 9.26 2.48 1.88
C THR B 179 9.22 1.23 1.01
N GLY B 180 8.28 0.32 1.25
CA GLY B 180 8.13 -0.84 0.41
C GLY B 180 6.77 -0.89 -0.22
N TYR B 181 6.32 -2.07 -0.64
CA TYR B 181 5.01 -2.25 -1.25
C TYR B 181 4.14 -3.10 -0.33
N SER B 182 2.90 -2.67 -0.14
CA SER B 182 1.95 -3.40 0.69
C SER B 182 0.61 -3.49 -0.03
N SER B 183 -0.20 -4.46 0.42
CA SER B 183 -1.60 -4.57 0.02
C SER B 183 -2.46 -4.38 1.25
N LEU B 184 -3.35 -3.38 1.21
CA LEU B 184 -4.40 -3.24 2.22
C LEU B 184 -5.09 -4.55 2.54
N SER B 185 -5.38 -5.37 1.52
CA SER B 185 -6.03 -6.64 1.79
C SER B 185 -5.21 -7.48 2.75
N TYR B 186 -3.91 -7.64 2.48
CA TYR B 186 -3.06 -8.50 3.29
C TYR B 186 -2.75 -7.86 4.64
N LEU B 187 -2.56 -6.54 4.69
CA LEU B 187 -2.37 -5.86 5.98
C LEU B 187 -3.47 -6.24 6.96
N LYS B 188 -4.71 -6.27 6.50
CA LYS B 188 -5.84 -6.53 7.39
C LYS B 188 -5.94 -8.01 7.74
N SER B 189 -5.65 -8.90 6.79
CA SER B 189 -5.84 -10.33 7.04
C SER B 189 -4.68 -10.97 7.80
N LEU B 190 -3.46 -10.43 7.67
CA LEU B 190 -2.33 -10.95 8.43
C LEU B 190 -2.48 -10.61 9.92
N PRO B 191 -1.85 -11.41 10.81
CA PRO B 191 -1.91 -11.15 12.26
C PRO B 191 -0.94 -10.06 12.70
N LEU B 192 -1.11 -8.86 12.15
CA LEU B 192 -0.23 -7.75 12.46
C LEU B 192 -0.80 -6.91 13.59
N ASP B 193 0.07 -6.45 14.48
CA ASP B 193 -0.35 -5.60 15.59
C ASP B 193 0.02 -4.15 15.42
N LYS B 194 1.11 -3.85 14.72
CA LYS B 194 1.71 -2.54 14.77
C LYS B 194 2.36 -2.20 13.43
N ILE B 195 2.29 -0.92 13.09
CA ILE B 195 3.00 -0.35 11.95
C ILE B 195 4.03 0.63 12.48
N LYS B 196 5.25 0.56 11.97
CA LYS B 196 6.34 1.46 12.37
C LYS B 196 6.62 2.43 11.22
N ILE B 197 6.28 3.71 11.40
CA ILE B 197 6.58 4.70 10.37
C ILE B 197 8.08 4.74 10.09
N ASP B 198 8.45 4.68 8.82
CA ASP B 198 9.87 4.72 8.51
C ASP B 198 10.49 6.03 8.96
N LYS B 199 11.67 5.90 9.57
CA LYS B 199 12.43 7.04 10.08
C LYS B 199 12.64 8.14 9.04
N SER B 200 12.75 7.79 7.75
CA SER B 200 13.01 8.82 6.74
C SER B 200 11.87 9.82 6.64
N PHE B 201 10.62 9.39 6.87
CA PHE B 201 9.50 10.31 6.82
C PHE B 201 9.39 11.16 8.07
N VAL B 202 9.82 10.64 9.21
CA VAL B 202 9.70 11.41 10.45
C VAL B 202 10.85 12.42 10.56
N GLN B 203 12.03 12.08 10.07
CA GLN B 203 13.15 13.02 10.13
C GLN B 203 12.90 14.25 9.28
N ASP B 204 12.13 14.11 8.20
CA ASP B 204 11.81 15.22 7.31
C ASP B 204 10.53 15.95 7.69
N LEU B 205 10.03 15.74 8.91
CA LEU B 205 8.62 16.01 9.21
C LEU B 205 8.30 17.51 9.14
N LEU B 206 8.97 18.31 9.97
CA LEU B 206 8.57 19.71 10.09
C LEU B 206 9.00 20.53 8.87
N GLN B 207 10.13 20.19 8.26
CA GLN B 207 10.65 20.97 7.14
C GLN B 207 10.01 20.57 5.82
N ASP B 208 9.72 19.28 5.63
CA ASP B 208 9.15 18.76 4.40
C ASP B 208 7.68 18.41 4.63
N GLU B 209 6.80 18.97 3.79
CA GLU B 209 5.37 18.84 3.99
C GLU B 209 4.76 17.63 3.28
N ASP B 210 5.40 17.12 2.22
CA ASP B 210 4.91 15.90 1.61
C ASP B 210 5.18 14.69 2.50
N ASP B 211 6.32 14.68 3.20
CA ASP B 211 6.57 13.62 4.16
C ASP B 211 5.67 13.76 5.38
N ALA B 212 5.29 14.99 5.73
CA ALA B 212 4.26 15.18 6.76
C ALA B 212 2.94 14.56 6.30
N THR B 213 2.64 14.67 5.01
CA THR B 213 1.44 14.03 4.48
C THR B 213 1.53 12.51 4.56
N ILE B 214 2.68 11.95 4.20
CA ILE B 214 2.85 10.50 4.31
C ILE B 214 2.73 10.07 5.76
N VAL B 215 3.33 10.85 6.67
CA VAL B 215 3.23 10.52 8.10
C VAL B 215 1.78 10.53 8.54
N ARG B 216 1.05 11.61 8.21
CA ARG B 216 -0.37 11.68 8.54
C ARG B 216 -1.13 10.50 7.96
N ALA B 217 -0.83 10.16 6.71
CA ALA B 217 -1.52 9.06 6.04
C ALA B 217 -1.24 7.73 6.72
N ILE B 218 0.01 7.49 7.12
CA ILE B 218 0.34 6.21 7.76
C ILE B 218 -0.38 6.10 9.10
N ILE B 219 -0.34 7.18 9.90
CA ILE B 219 -1.04 7.18 11.18
C ILE B 219 -2.51 6.89 10.97
N GLN B 220 -3.13 7.52 9.98
CA GLN B 220 -4.56 7.33 9.77
C GLN B 220 -4.85 5.95 9.18
N LEU B 221 -3.97 5.45 8.32
CA LEU B 221 -4.10 4.07 7.86
C LEU B 221 -4.08 3.10 9.03
N GLY B 222 -3.21 3.35 10.02
CA GLY B 222 -3.16 2.50 11.19
C GLY B 222 -4.45 2.51 11.99
N LYS B 223 -4.96 3.71 12.31
CA LYS B 223 -6.26 3.79 12.98
C LYS B 223 -7.33 3.08 12.19
N SER B 224 -7.42 3.35 10.89
CA SER B 224 -8.46 2.74 10.06
C SER B 224 -8.44 1.22 10.17
N LEU B 225 -7.25 0.63 10.20
CA LEU B 225 -7.11 -0.82 10.21
C LEU B 225 -7.05 -1.41 11.61
N GLY B 226 -7.22 -0.60 12.65
CA GLY B 226 -7.17 -1.11 14.00
C GLY B 226 -5.80 -1.54 14.47
N MET B 227 -4.74 -0.92 13.94
CA MET B 227 -3.36 -1.27 14.30
C MET B 227 -2.70 -0.11 15.03
N GLN B 228 -1.91 -0.44 16.04
CA GLN B 228 -1.07 0.56 16.69
C GLN B 228 -0.05 1.12 15.70
N VAL B 229 0.32 2.38 15.88
CA VAL B 229 1.31 3.04 15.05
C VAL B 229 2.40 3.61 15.96
N ILE B 230 3.65 3.31 15.63
CA ILE B 230 4.81 3.87 16.32
C ILE B 230 5.63 4.65 15.30
N ALA B 231 6.01 5.86 15.67
CA ALA B 231 6.88 6.68 14.85
C ALA B 231 8.34 6.44 15.22
N GLU B 232 9.17 6.14 14.22
CA GLU B 232 10.59 5.97 14.42
C GLU B 232 11.33 7.23 13.98
N GLY B 233 12.43 7.52 14.66
CA GLY B 233 13.24 8.68 14.31
C GLY B 233 12.75 9.99 14.88
N VAL B 234 11.99 9.95 15.97
CA VAL B 234 11.53 11.19 16.61
C VAL B 234 12.74 11.85 17.26
N GLU B 235 13.04 13.07 16.85
CA GLU B 235 14.21 13.79 17.35
C GLU B 235 13.90 15.04 18.16
N THR B 236 12.74 15.67 17.96
CA THR B 236 12.43 16.92 18.65
C THR B 236 11.03 16.88 19.24
N ALA B 237 10.81 17.77 20.21
CA ALA B 237 9.51 17.82 20.87
C ALA B 237 8.43 18.34 19.93
N GLU B 238 8.79 19.15 18.93
CA GLU B 238 7.78 19.63 18.00
C GLU B 238 7.30 18.50 17.10
N GLN B 239 8.22 17.64 16.66
CA GLN B 239 7.82 16.44 15.92
C GLN B 239 6.89 15.57 16.75
N GLU B 240 7.20 15.38 18.03
CA GLU B 240 6.35 14.55 18.87
C GLU B 240 4.97 15.17 19.03
N ALA B 241 4.91 16.48 19.27
CA ALA B 241 3.62 17.16 19.38
C ALA B 241 2.80 16.99 18.10
N TYR B 242 3.46 17.13 16.95
CA TYR B 242 2.74 16.96 15.69
C TYR B 242 2.13 15.57 15.58
N ILE B 243 2.93 14.52 15.83
CA ILE B 243 2.44 13.18 15.56
C ILE B 243 1.40 12.74 16.60
N ILE B 244 1.47 13.21 17.85
CA ILE B 244 0.40 12.88 18.79
C ILE B 244 -0.90 13.54 18.38
N ALA B 245 -0.86 14.81 17.98
CA ALA B 245 -2.05 15.48 17.48
C ALA B 245 -2.70 14.66 16.38
N GLU B 246 -1.90 14.00 15.55
CA GLU B 246 -2.42 13.21 14.45
C GLU B 246 -2.95 11.84 14.88
N GLY B 247 -2.64 11.39 16.09
CA GLY B 247 -3.12 10.10 16.56
C GLY B 247 -2.08 9.02 16.73
N CYS B 248 -0.79 9.33 16.60
CA CYS B 248 0.25 8.34 16.76
C CYS B 248 0.25 7.78 18.17
N ASN B 249 0.46 6.47 18.29
CA ASN B 249 0.37 5.83 19.60
C ASN B 249 1.69 5.76 20.36
N GLU B 250 2.80 5.62 19.64
CA GLU B 250 4.09 5.39 20.28
C GLU B 250 5.18 6.12 19.51
N GLY B 251 6.33 6.27 20.17
CA GLY B 251 7.46 6.94 19.56
C GLY B 251 8.78 6.29 19.94
N GLN B 252 9.76 6.49 19.08
CA GLN B 252 11.10 5.96 19.25
C GLN B 252 12.04 6.92 18.52
N GLY B 253 13.20 7.18 19.10
CA GLY B 253 14.17 8.04 18.44
C GLY B 253 15.01 8.81 19.45
N TYR B 254 15.88 9.67 18.90
CA TYR B 254 16.87 10.34 19.73
C TYR B 254 16.23 11.19 20.81
N LEU B 255 15.00 11.67 20.58
CA LEU B 255 14.32 12.50 21.58
C LEU B 255 14.20 11.78 22.92
N TYR B 256 14.01 10.46 22.88
CA TYR B 256 13.88 9.66 24.09
C TYR B 256 15.22 9.09 24.51
N SER B 257 15.88 8.38 23.60
CA SER B 257 17.24 7.90 23.75
C SER B 257 17.73 7.33 22.44
N LYS B 258 18.97 7.63 22.10
CA LYS B 258 19.67 6.86 21.08
C LYS B 258 19.86 5.42 21.56
N PRO B 259 20.19 4.50 20.66
CA PRO B 259 20.42 3.11 21.08
C PRO B 259 21.57 3.02 22.08
N LEU B 260 21.35 2.25 23.14
CA LEU B 260 22.26 2.15 24.27
C LEU B 260 22.69 0.71 24.52
N PRO B 261 23.90 0.48 24.99
CA PRO B 261 24.25 -0.83 25.53
C PRO B 261 23.39 -1.16 26.73
N ALA B 262 23.33 -2.46 27.05
CA ALA B 262 22.40 -2.95 28.06
C ALA B 262 22.58 -2.24 29.41
N ARG B 263 23.81 -1.97 29.83
CA ARG B 263 23.95 -1.40 31.17
C ARG B 263 23.44 0.04 31.23
N GLU B 264 23.59 0.80 30.15
CA GLU B 264 23.05 2.16 30.14
C GLU B 264 21.53 2.15 29.98
N LEU B 265 20.98 1.19 29.24
CA LEU B 265 19.53 1.18 29.15
C LEU B 265 18.92 0.75 30.49
N THR B 266 19.57 -0.16 31.22
CA THR B 266 19.10 -0.45 32.59
C THR B 266 19.07 0.83 33.42
N GLN B 267 20.15 1.60 33.38
CA GLN B 267 20.19 2.89 34.07
C GLN B 267 19.04 3.79 33.61
N TYR B 268 18.72 3.75 32.32
CA TYR B 268 17.64 4.57 31.80
C TYR B 268 16.29 4.11 32.34
N LEU B 269 16.04 2.80 32.40
CA LEU B 269 14.78 2.30 32.94
C LEU B 269 14.66 2.63 34.42
N LYS B 270 15.75 2.42 35.17
CA LYS B 270 15.69 2.67 36.61
C LYS B 270 15.46 4.14 36.90
N GLN B 271 16.10 5.02 36.14
CA GLN B 271 15.96 6.45 36.32
C GLN B 271 14.50 6.89 36.16
N ALA B 272 13.78 6.27 35.22
CA ALA B 272 12.43 6.70 34.90
C ALA B 272 11.41 6.17 35.89
N ARG B 273 11.47 4.87 36.22
CA ARG B 273 10.50 4.27 37.14
C ARG B 273 10.82 4.52 38.61
N ARG B 274 11.68 5.47 38.94
CA ARG B 274 11.85 5.89 40.32
C ARG B 274 10.51 6.32 40.93
MG MG C . -11.93 0.99 -14.66
MG MG D . 13.22 -2.42 13.47
#